data_8QO4
#
_entry.id   8QO4
#
_cell.length_a   1.00
_cell.length_b   1.00
_cell.length_c   1.00
_cell.angle_alpha   90.00
_cell.angle_beta   90.00
_cell.angle_gamma   90.00
#
_symmetry.space_group_name_H-M   'P 1'
#
_entity_poly.entity_id   1
_entity_poly.type   'polyribonucleotide'
_entity_poly.pdbx_seq_one_letter_code
;UUUUUCAGUUAGAGCGUCGUGUCUCUUGUACGUCUCGGUCACAAUACACGGUUUCGUCCGGUGCGUGGCAAUUCGGGGCA
CAUCAUGUCUUUCGUGGCUGGUGUGACCGCGCAAGGUGCGCGCGGUACGUAUCGAGCAGCGCUCAACUCUGAAAAA
;
_entity_poly.pdbx_strand_id   A
#